data_5GUJ
#
_entry.id   5GUJ
#
_cell.length_a   117.114
_cell.length_b   117.114
_cell.length_c   48.858
_cell.angle_alpha   90.00
_cell.angle_beta   90.00
_cell.angle_gamma   120.00
#
_symmetry.space_group_name_H-M   'P 61'
#
loop_
_entity.id
_entity.type
_entity.pdbx_description
1 polymer 'DNA primase'
2 water water
#
_entity_poly.entity_id   1
_entity_poly.type   'polypeptide(L)'
_entity_poly.pdbx_seq_one_letter_code
;SGEQKMAEAHELLKKFYHHLLINTKEGQEALDYLLSRGFTKELINEFQIGYALDSWDFITKFLVKRGFSEAQMEKAGLLI
RREDGSGYFDRFRNRVMFPIHDHHGAVVAFSGRALGSQQPKYMNSPETPLFHKSKLLYNFYKARLHIRKQERAVLFEGFA
DVISAVSSDVKESIATMGTSLTDDHVKILRRNVEEIILCYDSDKAGYEATLKASELLQKKGCKVRVAMIPDGLDPDDYIK
KFGGEKFKNDIIDASVTVMAFKMQYFRKGKNLSDEGDRLAYIKDVLKEISTLSGSLEQEVYVKQLASEFSLSQESLTEQL
SVFS
;
_entity_poly.pdbx_strand_id   A
#
# COMPACT_ATOMS: atom_id res chain seq x y z
N SER A 1 -25.91 13.38 9.84
CA SER A 1 -27.20 13.11 9.18
C SER A 1 -27.07 12.99 7.67
N GLY A 2 -26.48 14.01 7.03
CA GLY A 2 -26.04 13.85 5.66
C GLY A 2 -24.96 12.79 5.53
N GLU A 3 -24.06 12.71 6.51
CA GLU A 3 -23.05 11.67 6.46
C GLU A 3 -23.67 10.28 6.45
N GLN A 4 -24.79 10.11 7.16
CA GLN A 4 -25.49 8.83 7.14
C GLN A 4 -26.05 8.51 5.75
N LYS A 5 -26.43 9.54 5.00
CA LYS A 5 -26.83 9.33 3.61
C LYS A 5 -25.67 8.81 2.77
N MET A 6 -24.50 9.45 2.91
CA MET A 6 -23.31 9.01 2.19
C MET A 6 -22.90 7.60 2.57
N ALA A 7 -23.09 7.21 3.83
CA ALA A 7 -22.77 5.84 4.25
C ALA A 7 -23.71 4.84 3.59
N GLU A 8 -25.03 5.12 3.62
CA GLU A 8 -26.00 4.15 3.11
C GLU A 8 -25.81 3.93 1.61
N ALA A 9 -25.50 5.00 0.87
CA ALA A 9 -25.22 4.90 -0.54
C ALA A 9 -24.04 3.99 -0.81
N HIS A 10 -22.98 4.14 -0.02
CA HIS A 10 -21.79 3.31 -0.20
C HIS A 10 -22.08 1.85 0.08
N GLU A 11 -22.80 1.55 1.16
CA GLU A 11 -23.19 0.17 1.45
C GLU A 11 -24.00 -0.41 0.30
N LEU A 12 -24.96 0.36 -0.21
CA LEU A 12 -25.80 -0.07 -1.32
C LEU A 12 -24.95 -0.31 -2.57
N LEU A 13 -24.12 0.68 -2.94
CA LEU A 13 -23.35 0.57 -4.16
C LEU A 13 -22.36 -0.61 -4.12
N LYS A 14 -21.82 -0.94 -2.94
CA LYS A 14 -20.96 -2.11 -2.87
C LYS A 14 -21.70 -3.36 -3.30
N LYS A 15 -22.91 -3.56 -2.78
CA LYS A 15 -23.74 -4.70 -3.17
C LYS A 15 -24.09 -4.65 -4.66
N PHE A 16 -24.40 -3.46 -5.18
CA PHE A 16 -24.88 -3.33 -6.56
C PHE A 16 -23.73 -3.50 -7.56
N TYR A 17 -22.64 -2.75 -7.37
CA TYR A 17 -21.45 -2.94 -8.18
C TYR A 17 -21.04 -4.41 -8.23
N HIS A 18 -21.01 -5.08 -7.08
CA HIS A 18 -20.74 -6.52 -7.04
C HIS A 18 -21.76 -7.28 -7.89
N HIS A 19 -23.04 -6.92 -7.76
CA HIS A 19 -24.09 -7.55 -8.54
C HIS A 19 -23.85 -7.40 -10.04
N LEU A 20 -23.47 -6.19 -10.47
CA LEU A 20 -23.25 -5.96 -11.90
C LEU A 20 -22.06 -6.75 -12.42
N LEU A 21 -21.03 -6.95 -11.58
CA LEU A 21 -19.87 -7.73 -12.02
C LEU A 21 -20.23 -9.19 -12.22
N ILE A 22 -20.94 -9.77 -11.24
CA ILE A 22 -21.21 -11.21 -11.18
C ILE A 22 -22.43 -11.64 -12.00
N ASN A 23 -23.38 -10.73 -12.27
CA ASN A 23 -24.71 -11.14 -12.74
C ASN A 23 -25.21 -10.46 -14.01
N THR A 24 -24.40 -9.68 -14.71
CA THR A 24 -24.82 -8.98 -15.92
C THR A 24 -23.84 -9.24 -17.06
N LYS A 25 -24.31 -8.98 -18.28
CA LYS A 25 -23.46 -9.15 -19.47
C LYS A 25 -22.33 -8.13 -19.50
N GLU A 26 -22.64 -6.87 -19.19
CA GLU A 26 -21.60 -5.84 -19.13
C GLU A 26 -20.46 -6.26 -18.20
N GLY A 27 -20.80 -6.87 -17.07
CA GLY A 27 -19.79 -7.30 -16.11
C GLY A 27 -18.83 -8.35 -16.64
N GLN A 28 -19.18 -9.01 -17.75
CA GLN A 28 -18.41 -10.14 -18.26
C GLN A 28 -16.98 -9.74 -18.63
N GLU A 29 -16.84 -8.65 -19.40
CA GLU A 29 -15.50 -8.25 -19.83
C GLU A 29 -14.60 -7.96 -18.63
N ALA A 30 -15.18 -7.44 -17.55
CA ALA A 30 -14.40 -7.22 -16.33
C ALA A 30 -14.20 -8.52 -15.56
N LEU A 31 -15.24 -9.37 -15.50
CA LEU A 31 -15.12 -10.63 -14.77
C LEU A 31 -14.06 -11.51 -15.39
N ASP A 32 -14.11 -11.68 -16.71
CA ASP A 32 -13.12 -12.50 -17.38
C ASP A 32 -11.73 -11.91 -17.26
N TYR A 33 -11.61 -10.60 -17.44
CA TYR A 33 -10.30 -9.99 -17.28
C TYR A 33 -9.77 -10.16 -15.85
N LEU A 34 -10.65 -10.18 -14.85
CA LEU A 34 -10.22 -10.40 -13.48
C LEU A 34 -9.69 -11.82 -13.29
N LEU A 35 -10.46 -12.81 -13.74
CA LEU A 35 -10.03 -14.20 -13.63
C LEU A 35 -8.72 -14.41 -14.39
N SER A 36 -8.54 -13.71 -15.51
CA SER A 36 -7.33 -13.85 -16.31
C SER A 36 -6.10 -13.24 -15.65
N ARG A 37 -6.26 -12.54 -14.54
CA ARG A 37 -5.14 -11.95 -13.83
C ARG A 37 -5.04 -12.50 -12.40
N GLY A 38 -5.52 -13.73 -12.20
CA GLY A 38 -5.31 -14.44 -10.96
C GLY A 38 -6.44 -14.37 -9.95
N PHE A 39 -7.49 -13.57 -10.21
CA PHE A 39 -8.61 -13.51 -9.28
C PHE A 39 -9.43 -14.80 -9.32
N THR A 40 -9.70 -15.35 -8.14
CA THR A 40 -10.69 -16.40 -8.00
C THR A 40 -12.00 -15.78 -7.53
N LYS A 41 -13.10 -16.48 -7.77
CA LYS A 41 -14.35 -15.90 -7.30
C LYS A 41 -14.46 -16.00 -5.79
N GLU A 42 -13.70 -16.91 -5.18
CA GLU A 42 -13.50 -16.84 -3.73
C GLU A 42 -12.93 -15.48 -3.33
N LEU A 43 -12.01 -14.94 -4.14
CA LEU A 43 -11.47 -13.61 -3.85
C LEU A 43 -12.49 -12.52 -4.18
N ILE A 44 -13.16 -12.65 -5.33
CA ILE A 44 -14.11 -11.63 -5.75
C ILE A 44 -15.21 -11.47 -4.71
N ASN A 45 -15.76 -12.59 -4.23
CA ASN A 45 -16.77 -12.48 -3.18
C ASN A 45 -16.15 -12.07 -1.85
N GLU A 46 -14.89 -12.48 -1.60
CA GLU A 46 -14.23 -12.14 -0.34
C GLU A 46 -14.02 -10.64 -0.24
N PHE A 47 -13.44 -10.04 -1.28
CA PHE A 47 -13.24 -8.60 -1.29
C PHE A 47 -14.42 -7.83 -1.87
N GLN A 48 -15.49 -8.53 -2.28
CA GLN A 48 -16.70 -7.89 -2.82
C GLN A 48 -16.36 -6.93 -3.93
N ILE A 49 -15.47 -7.39 -4.83
CA ILE A 49 -15.13 -6.62 -6.01
C ILE A 49 -16.38 -6.44 -6.87
N GLY A 50 -16.48 -5.28 -7.51
CA GLY A 50 -17.63 -5.02 -8.36
C GLY A 50 -17.28 -4.42 -9.71
N TYR A 51 -18.28 -3.91 -10.40
CA TYR A 51 -18.04 -3.29 -11.70
C TYR A 51 -18.98 -2.11 -11.88
N ALA A 52 -18.44 -0.97 -12.28
CA ALA A 52 -19.24 0.19 -12.63
C ALA A 52 -19.39 0.25 -14.15
N LEU A 53 -20.63 0.20 -14.62
CA LEU A 53 -20.91 0.24 -16.06
C LEU A 53 -20.25 1.44 -16.73
N ASP A 54 -19.99 1.29 -18.02
CA ASP A 54 -19.42 2.34 -18.86
C ASP A 54 -20.52 3.30 -19.30
N SER A 55 -21.03 4.07 -18.33
CA SER A 55 -22.09 5.03 -18.56
C SER A 55 -21.70 6.36 -17.91
N TRP A 56 -22.41 7.43 -18.27
CA TRP A 56 -22.18 8.71 -17.61
C TRP A 56 -23.09 8.94 -16.42
N ASP A 57 -24.30 8.36 -16.45
CA ASP A 57 -25.34 8.76 -15.50
C ASP A 57 -26.06 7.57 -14.89
N PHE A 58 -25.62 6.34 -15.20
CA PHE A 58 -26.33 5.16 -14.72
C PHE A 58 -26.47 5.18 -13.19
N ILE A 59 -25.38 5.45 -12.47
CA ILE A 59 -25.47 5.46 -11.02
C ILE A 59 -26.02 6.80 -10.50
N THR A 60 -25.82 7.90 -11.25
CA THR A 60 -26.52 9.14 -10.93
C THR A 60 -28.03 8.94 -10.92
N LYS A 61 -28.58 8.39 -12.02
CA LYS A 61 -30.02 8.12 -12.03
C LYS A 61 -30.38 7.07 -10.98
N PHE A 62 -29.47 6.13 -10.71
CA PHE A 62 -29.76 5.05 -9.78
C PHE A 62 -29.96 5.59 -8.37
N LEU A 63 -29.14 6.57 -7.97
CA LEU A 63 -29.21 7.13 -6.64
C LEU A 63 -30.35 8.13 -6.50
N VAL A 64 -30.59 8.93 -7.54
CA VAL A 64 -31.69 9.90 -7.49
C VAL A 64 -33.02 9.18 -7.44
N LYS A 65 -33.18 8.13 -8.23
CA LYS A 65 -34.42 7.35 -8.20
C LYS A 65 -34.72 6.84 -6.79
N ARG A 66 -33.67 6.58 -6.00
CA ARG A 66 -33.82 6.03 -4.66
C ARG A 66 -33.82 7.10 -3.58
N GLY A 67 -33.95 8.37 -3.97
CA GLY A 67 -34.17 9.44 -3.03
C GLY A 67 -32.94 10.20 -2.60
N PHE A 68 -31.82 10.02 -3.28
CA PHE A 68 -30.53 10.59 -2.88
C PHE A 68 -30.28 11.91 -3.56
N SER A 69 -29.88 12.90 -2.80
CA SER A 69 -29.52 14.20 -3.34
C SER A 69 -28.22 14.09 -4.11
N GLU A 70 -28.19 14.64 -5.33
CA GLU A 70 -26.97 14.63 -6.13
C GLU A 70 -25.84 15.36 -5.41
N ALA A 71 -26.14 16.46 -4.72
CA ALA A 71 -25.06 17.24 -4.11
C ALA A 71 -24.50 16.54 -2.88
N GLN A 72 -25.34 15.82 -2.13
CA GLN A 72 -24.83 14.92 -1.10
C GLN A 72 -23.89 13.89 -1.70
N MET A 73 -24.34 13.21 -2.76
CA MET A 73 -23.56 12.20 -3.45
C MET A 73 -22.31 12.79 -4.08
N GLU A 74 -22.29 14.09 -4.38
CA GLU A 74 -21.04 14.71 -4.78
C GLU A 74 -20.11 14.88 -3.59
N LYS A 75 -20.64 15.34 -2.45
CA LYS A 75 -19.82 15.39 -1.23
C LYS A 75 -19.34 14.00 -0.82
N ALA A 76 -20.11 12.96 -1.14
CA ALA A 76 -19.69 11.59 -0.83
C ALA A 76 -18.59 11.08 -1.76
N GLY A 77 -18.29 11.80 -2.83
CA GLY A 77 -17.29 11.36 -3.77
C GLY A 77 -17.81 10.43 -4.82
N LEU A 78 -19.12 10.17 -4.84
CA LEU A 78 -19.71 9.21 -5.77
C LEU A 78 -20.02 9.82 -7.14
N LEU A 79 -20.22 11.13 -7.22
CA LEU A 79 -20.57 11.82 -8.46
C LEU A 79 -19.68 13.04 -8.61
N ILE A 80 -19.63 13.54 -9.82
CA ILE A 80 -18.91 14.77 -10.12
C ILE A 80 -19.90 15.78 -10.69
N ARG A 81 -19.75 17.05 -10.33
CA ARG A 81 -20.62 18.07 -10.89
C ARG A 81 -19.99 18.56 -12.19
N ARG A 82 -20.81 18.63 -13.24
CA ARG A 82 -20.39 19.25 -14.48
C ARG A 82 -19.76 20.59 -14.17
N GLU A 83 -18.51 20.74 -14.57
CA GLU A 83 -17.83 22.03 -14.61
C GLU A 83 -18.73 23.15 -15.11
N ASP A 84 -19.61 22.88 -16.08
CA ASP A 84 -20.53 23.89 -16.60
C ASP A 84 -21.85 24.00 -15.84
N GLY A 85 -21.99 23.29 -14.71
CA GLY A 85 -23.15 23.50 -13.86
C GLY A 85 -24.47 22.94 -14.36
N SER A 86 -24.46 22.16 -15.45
CA SER A 86 -25.70 21.59 -15.97
C SER A 86 -26.19 20.34 -15.24
N GLY A 87 -25.34 19.70 -14.42
CA GLY A 87 -25.82 18.53 -13.71
C GLY A 87 -24.67 17.71 -13.13
N TYR A 88 -24.91 16.41 -13.03
CA TYR A 88 -23.99 15.49 -12.37
C TYR A 88 -23.77 14.26 -13.23
N PHE A 89 -22.58 13.66 -13.14
CA PHE A 89 -22.30 12.37 -13.77
C PHE A 89 -21.57 11.42 -12.83
N ASP A 90 -21.46 10.16 -13.26
CA ASP A 90 -20.81 9.11 -12.49
C ASP A 90 -19.31 9.35 -12.40
N ARG A 91 -18.76 9.41 -11.19
CA ARG A 91 -17.31 9.48 -11.08
C ARG A 91 -16.66 8.21 -11.57
N PHE A 92 -17.26 7.07 -11.24
CA PHE A 92 -16.72 5.75 -11.52
C PHE A 92 -17.44 5.15 -12.72
N ARG A 93 -16.79 5.13 -13.88
CA ARG A 93 -17.37 4.60 -15.11
C ARG A 93 -16.41 3.59 -15.73
N ASN A 94 -16.92 2.41 -16.04
CA ASN A 94 -16.15 1.34 -16.69
C ASN A 94 -14.90 0.97 -15.89
N ARG A 95 -15.07 0.80 -14.59
CA ARG A 95 -13.95 0.40 -13.74
C ARG A 95 -14.31 -0.83 -12.93
N VAL A 96 -13.29 -1.62 -12.61
CA VAL A 96 -13.43 -2.67 -11.62
C VAL A 96 -13.38 -2.01 -10.25
N MET A 97 -14.38 -2.31 -9.41
CA MET A 97 -14.65 -1.55 -8.19
C MET A 97 -14.14 -2.31 -6.96
N PHE A 98 -13.27 -1.65 -6.20
CA PHE A 98 -12.82 -2.21 -4.93
C PHE A 98 -13.32 -1.34 -3.78
N PRO A 99 -14.21 -1.87 -2.92
CA PRO A 99 -14.70 -1.07 -1.80
C PRO A 99 -13.62 -0.83 -0.76
N ILE A 100 -13.68 0.33 -0.14
CA ILE A 100 -12.71 0.72 0.88
C ILE A 100 -13.45 0.77 2.22
N HIS A 101 -13.16 -0.20 3.07
CA HIS A 101 -13.81 -0.28 4.37
C HIS A 101 -12.98 0.46 5.40
N ASP A 102 -13.67 1.15 6.30
CA ASP A 102 -13.02 1.81 7.43
C ASP A 102 -12.67 0.72 8.45
N HIS A 103 -12.18 1.09 9.62
CA HIS A 103 -11.64 0.05 10.50
C HIS A 103 -12.74 -0.73 11.24
N HIS A 104 -14.02 -0.44 10.97
CA HIS A 104 -15.12 -1.19 11.58
C HIS A 104 -15.95 -1.97 10.55
N GLY A 105 -15.51 -2.07 9.31
CA GLY A 105 -16.23 -2.80 8.28
C GLY A 105 -17.27 -2.01 7.50
N ALA A 106 -17.39 -0.71 7.71
CA ALA A 106 -18.33 0.13 6.96
C ALA A 106 -17.67 0.71 5.71
N VAL A 107 -18.38 0.68 4.59
CA VAL A 107 -17.82 1.21 3.35
C VAL A 107 -17.78 2.73 3.39
N VAL A 108 -16.65 3.32 3.01
CA VAL A 108 -16.52 4.77 3.06
C VAL A 108 -16.03 5.35 1.75
N ALA A 109 -15.57 4.51 0.83
CA ALA A 109 -15.09 5.00 -0.47
C ALA A 109 -14.86 3.79 -1.38
N PHE A 110 -14.31 4.06 -2.56
CA PHE A 110 -14.02 3.04 -3.54
C PHE A 110 -12.71 3.37 -4.24
N SER A 111 -12.11 2.34 -4.82
CA SER A 111 -11.04 2.47 -5.79
C SER A 111 -11.46 1.73 -7.06
N GLY A 112 -11.33 2.39 -8.21
CA GLY A 112 -11.75 1.83 -9.47
C GLY A 112 -10.62 1.66 -10.46
N ARG A 113 -10.43 0.43 -10.90
CA ARG A 113 -9.38 0.08 -11.86
C ARG A 113 -9.93 0.27 -13.28
N ALA A 114 -9.32 1.16 -14.05
CA ALA A 114 -9.81 1.40 -15.41
C ALA A 114 -9.66 0.16 -16.28
N LEU A 115 -10.77 -0.26 -16.88
CA LEU A 115 -10.77 -1.16 -18.04
C LEU A 115 -10.74 -0.27 -19.27
N GLY A 116 -9.53 0.00 -19.77
CA GLY A 116 -9.40 0.97 -20.85
C GLY A 116 -8.45 2.11 -20.54
N SER A 117 -8.58 3.19 -21.31
CA SER A 117 -7.58 4.24 -21.34
C SER A 117 -7.82 5.37 -20.35
N GLN A 118 -8.99 5.45 -19.71
CA GLN A 118 -9.32 6.62 -18.90
C GLN A 118 -8.32 6.79 -17.77
N GLN A 119 -8.12 8.04 -17.39
CA GLN A 119 -7.15 8.37 -16.36
C GLN A 119 -7.85 8.97 -15.14
N PRO A 120 -7.33 8.67 -13.94
CA PRO A 120 -6.20 7.74 -13.76
C PRO A 120 -6.54 6.26 -13.99
N LYS A 121 -5.47 5.47 -14.08
CA LYS A 121 -5.61 4.01 -14.09
C LYS A 121 -6.46 3.57 -12.91
N TYR A 122 -6.05 3.99 -11.72
CA TYR A 122 -6.76 3.73 -10.47
C TYR A 122 -7.37 5.06 -10.03
N MET A 123 -8.68 5.16 -10.07
CA MET A 123 -9.42 6.32 -9.57
C MET A 123 -9.87 6.02 -8.14
N ASN A 124 -9.59 6.94 -7.23
CA ASN A 124 -10.02 6.85 -5.85
C ASN A 124 -11.02 7.96 -5.51
N SER A 125 -11.97 7.63 -4.64
CA SER A 125 -12.79 8.66 -4.01
C SER A 125 -11.87 9.75 -3.44
N PRO A 126 -12.22 11.03 -3.60
CA PRO A 126 -11.43 12.08 -2.93
C PRO A 126 -11.66 12.10 -1.42
N GLU A 127 -11.14 13.12 -0.74
CA GLU A 127 -11.52 13.37 0.64
C GLU A 127 -13.02 13.68 0.71
N THR A 128 -13.72 12.88 1.48
CA THR A 128 -15.15 13.02 1.76
C THR A 128 -15.31 13.06 3.29
N PRO A 129 -16.46 13.52 3.77
CA PRO A 129 -16.72 13.42 5.23
C PRO A 129 -16.59 12.00 5.75
N LEU A 130 -16.59 11.01 4.86
CA LEU A 130 -16.49 9.60 5.25
C LEU A 130 -15.09 9.05 5.11
N PHE A 131 -14.28 9.59 4.20
CA PHE A 131 -13.04 8.94 3.77
C PHE A 131 -11.87 9.89 3.93
N HIS A 132 -11.01 9.60 4.91
CA HIS A 132 -9.78 10.35 5.15
C HIS A 132 -8.61 9.38 5.00
N LYS A 133 -7.93 9.44 3.85
CA LYS A 133 -6.86 8.49 3.57
C LYS A 133 -5.71 8.59 4.58
N SER A 134 -5.58 9.72 5.27
CA SER A 134 -4.51 9.87 6.25
C SER A 134 -4.79 9.12 7.54
N LYS A 135 -5.96 8.50 7.70
CA LYS A 135 -6.26 7.73 8.89
C LYS A 135 -6.72 6.32 8.58
N LEU A 136 -7.01 6.00 7.33
CA LEU A 136 -7.53 4.68 7.01
C LEU A 136 -6.40 3.82 6.46
N LEU A 137 -6.39 2.54 6.86
CA LEU A 137 -5.45 1.56 6.34
C LEU A 137 -6.27 0.49 5.61
N TYR A 138 -6.13 0.45 4.29
CA TYR A 138 -6.91 -0.51 3.53
C TYR A 138 -6.70 -1.92 4.07
N ASN A 139 -7.79 -2.67 4.21
CA ASN A 139 -7.86 -4.07 4.64
C ASN A 139 -7.69 -4.20 6.15
N PHE A 140 -7.60 -3.09 6.90
CA PHE A 140 -7.26 -3.20 8.33
C PHE A 140 -8.34 -3.95 9.10
N TYR A 141 -9.60 -3.71 8.77
CA TYR A 141 -10.68 -4.33 9.54
C TYR A 141 -10.65 -5.85 9.37
N LYS A 142 -10.33 -6.34 8.19
CA LYS A 142 -10.14 -7.79 8.06
C LYS A 142 -8.81 -8.25 8.62
N ALA A 143 -7.76 -7.42 8.52
CA ALA A 143 -6.44 -7.88 8.89
C ALA A 143 -6.17 -7.83 10.39
N ARG A 144 -6.95 -7.07 11.15
CA ARG A 144 -6.61 -6.78 12.54
C ARG A 144 -6.30 -8.06 13.31
N LEU A 145 -7.19 -9.04 13.26
CA LEU A 145 -6.99 -10.23 14.07
C LEU A 145 -5.94 -11.16 13.48
N HIS A 146 -5.61 -11.01 12.20
CA HIS A 146 -4.44 -11.73 11.72
C HIS A 146 -3.16 -11.05 12.16
N ILE A 147 -3.15 -9.72 12.17
CA ILE A 147 -1.98 -9.00 12.66
C ILE A 147 -1.64 -9.44 14.08
N ARG A 148 -2.68 -9.65 14.90
CA ARG A 148 -2.43 -10.00 16.31
C ARG A 148 -2.02 -11.46 16.45
N LYS A 149 -2.62 -12.34 15.66
CA LYS A 149 -2.19 -13.74 15.67
C LYS A 149 -0.75 -13.87 15.19
N GLN A 150 -0.43 -13.25 14.05
CA GLN A 150 0.94 -13.39 13.53
C GLN A 150 1.95 -12.49 14.24
N GLU A 151 1.49 -11.55 15.07
CA GLU A 151 2.35 -10.64 15.82
C GLU A 151 3.17 -9.75 14.90
N ARG A 152 2.62 -9.44 13.73
CA ARG A 152 3.28 -8.60 12.76
C ARG A 152 2.24 -8.08 11.78
N ALA A 153 2.58 -6.97 11.13
CA ALA A 153 1.76 -6.41 10.07
C ALA A 153 2.66 -6.15 8.87
N VAL A 154 2.12 -6.39 7.67
CA VAL A 154 2.85 -6.19 6.42
C VAL A 154 2.19 -5.03 5.68
N LEU A 155 2.96 -3.98 5.42
CA LEU A 155 2.43 -2.70 4.97
C LEU A 155 2.82 -2.45 3.52
N PHE A 156 1.81 -2.36 2.65
CA PHE A 156 1.95 -2.10 1.22
C PHE A 156 1.47 -0.69 0.91
N GLU A 157 1.69 -0.26 -0.33
CA GLU A 157 1.00 0.90 -0.89
C GLU A 157 -0.05 0.44 -1.90
N GLY A 158 -1.29 0.87 -1.72
CA GLY A 158 -2.32 0.52 -2.68
C GLY A 158 -2.96 -0.83 -2.42
N PHE A 159 -4.22 -0.96 -2.82
CA PHE A 159 -4.96 -2.16 -2.48
C PHE A 159 -4.51 -3.37 -3.30
N ALA A 160 -4.00 -3.14 -4.52
CA ALA A 160 -3.63 -4.25 -5.39
C ALA A 160 -2.64 -5.18 -4.70
N ASP A 161 -1.58 -4.62 -4.13
CA ASP A 161 -0.58 -5.46 -3.48
C ASP A 161 -1.16 -6.20 -2.30
N VAL A 162 -2.10 -5.58 -1.57
CA VAL A 162 -2.68 -6.26 -0.42
C VAL A 162 -3.44 -7.49 -0.86
N ILE A 163 -4.21 -7.39 -1.94
CA ILE A 163 -5.02 -8.54 -2.33
C ILE A 163 -4.12 -9.67 -2.82
N SER A 164 -3.06 -9.34 -3.54
CA SER A 164 -2.09 -10.36 -3.92
C SER A 164 -1.48 -11.02 -2.69
N ALA A 165 -1.18 -10.23 -1.66
CA ALA A 165 -0.58 -10.80 -0.45
C ALA A 165 -1.55 -11.73 0.28
N VAL A 166 -2.79 -11.27 0.50
CA VAL A 166 -3.82 -12.09 1.13
C VAL A 166 -3.95 -13.42 0.40
N SER A 167 -4.10 -13.34 -0.93
CA SER A 167 -4.05 -14.52 -1.77
C SER A 167 -2.85 -15.41 -1.46
N SER A 168 -1.68 -14.81 -1.27
CA SER A 168 -0.47 -15.53 -0.92
C SER A 168 -0.40 -15.94 0.54
N ASP A 169 -1.53 -15.88 1.26
CA ASP A 169 -1.65 -16.26 2.67
C ASP A 169 -0.95 -15.29 3.62
N VAL A 170 -0.68 -14.05 3.22
CA VAL A 170 -0.23 -13.01 4.15
C VAL A 170 -1.48 -12.18 4.48
N LYS A 171 -2.25 -12.64 5.47
CA LYS A 171 -3.50 -12.00 5.79
C LYS A 171 -3.33 -10.78 6.67
N GLU A 172 -2.19 -10.66 7.35
CA GLU A 172 -1.84 -9.48 8.12
C GLU A 172 -1.37 -8.31 7.24
N SER A 173 -2.04 -8.09 6.11
CA SER A 173 -1.62 -7.10 5.12
C SER A 173 -2.59 -5.94 5.08
N ILE A 174 -2.04 -4.74 4.99
CA ILE A 174 -2.77 -3.49 4.95
C ILE A 174 -1.99 -2.54 4.07
N ALA A 175 -2.64 -1.44 3.68
CA ALA A 175 -1.98 -0.52 2.76
C ALA A 175 -2.43 0.90 3.03
N THR A 176 -1.60 1.84 2.60
CA THR A 176 -2.02 3.21 2.40
C THR A 176 -2.71 3.35 1.03
N MET A 177 -3.71 4.23 0.97
CA MET A 177 -4.46 4.52 -0.24
C MET A 177 -4.06 5.92 -0.72
N GLY A 178 -3.20 5.95 -1.74
CA GLY A 178 -2.80 7.21 -2.36
C GLY A 178 -2.19 8.23 -1.43
N THR A 179 -1.34 7.80 -0.50
CA THR A 179 -0.74 8.69 0.46
C THR A 179 0.47 8.00 1.09
N SER A 180 1.43 8.81 1.55
CA SER A 180 2.48 8.28 2.40
C SER A 180 1.91 7.84 3.75
N LEU A 181 2.62 6.95 4.42
CA LEU A 181 2.31 6.64 5.80
C LEU A 181 2.33 7.91 6.65
N THR A 182 1.32 8.08 7.49
CA THR A 182 1.18 9.24 8.36
C THR A 182 1.33 8.86 9.83
N ASP A 183 1.40 9.89 10.68
CA ASP A 183 1.46 9.66 12.12
C ASP A 183 0.18 9.02 12.65
N ASP A 184 -0.98 9.33 12.05
CA ASP A 184 -2.21 8.66 12.50
C ASP A 184 -2.13 7.16 12.25
N HIS A 185 -1.65 6.77 11.07
CA HIS A 185 -1.45 5.35 10.76
C HIS A 185 -0.48 4.68 11.74
N VAL A 186 0.59 5.38 12.11
CA VAL A 186 1.57 4.77 13.00
C VAL A 186 0.96 4.57 14.39
N LYS A 187 0.13 5.51 14.83
CA LYS A 187 -0.53 5.37 16.13
C LYS A 187 -1.49 4.20 16.14
N ILE A 188 -2.18 3.94 15.02
CA ILE A 188 -3.07 2.77 14.97
C ILE A 188 -2.26 1.49 14.90
N LEU A 189 -1.21 1.47 14.08
CA LEU A 189 -0.37 0.28 13.96
C LEU A 189 0.29 -0.06 15.28
N ARG A 190 0.80 0.96 15.98
CA ARG A 190 1.52 0.73 17.23
C ARG A 190 0.61 0.15 18.32
N ARG A 191 -0.66 0.57 18.34
CA ARG A 191 -1.59 0.04 19.33
C ARG A 191 -1.84 -1.44 19.14
N ASN A 192 -1.57 -1.97 17.96
CA ASN A 192 -1.96 -3.33 17.66
C ASN A 192 -0.80 -4.30 17.56
N VAL A 193 0.41 -3.81 17.27
CA VAL A 193 1.52 -4.72 17.01
C VAL A 193 2.83 -3.94 17.09
N GLU A 194 3.90 -4.66 17.39
CA GLU A 194 5.24 -4.10 17.46
C GLU A 194 6.01 -4.26 16.16
N GLU A 195 5.91 -5.41 15.50
CA GLU A 195 6.68 -5.66 14.28
C GLU A 195 5.91 -5.20 13.05
N ILE A 196 6.59 -4.44 12.17
CA ILE A 196 6.05 -3.96 10.91
C ILE A 196 7.03 -4.33 9.80
N ILE A 197 6.52 -4.89 8.70
CA ILE A 197 7.33 -5.20 7.53
C ILE A 197 6.87 -4.31 6.37
N LEU A 198 7.78 -3.50 5.84
CA LEU A 198 7.49 -2.68 4.67
C LEU A 198 7.74 -3.48 3.40
N CYS A 199 6.75 -3.49 2.51
CA CYS A 199 6.90 -4.20 1.22
C CYS A 199 6.44 -3.27 0.09
N TYR A 200 7.35 -2.40 -0.36
CA TYR A 200 7.00 -1.36 -1.31
C TYR A 200 7.59 -1.68 -2.68
N ASP A 201 7.19 -0.87 -3.66
CA ASP A 201 7.75 -0.94 -5.00
C ASP A 201 9.27 -0.76 -4.94
N SER A 202 9.98 -1.43 -5.85
CA SER A 202 11.44 -1.35 -5.84
C SER A 202 12.00 -0.26 -6.78
N ASP A 203 11.16 0.62 -7.29
CA ASP A 203 11.69 1.75 -8.04
C ASP A 203 12.20 2.82 -7.07
N LYS A 204 12.70 3.93 -7.61
CA LYS A 204 13.30 4.95 -6.76
C LYS A 204 12.27 5.58 -5.83
N ALA A 205 11.04 5.76 -6.30
CA ALA A 205 10.00 6.31 -5.43
C ALA A 205 9.66 5.37 -4.27
N GLY A 206 9.58 4.07 -4.55
CA GLY A 206 9.35 3.11 -3.48
C GLY A 206 10.45 3.12 -2.44
N TYR A 207 11.71 3.24 -2.89
CA TYR A 207 12.82 3.26 -1.97
C TYR A 207 12.76 4.47 -1.03
N GLU A 208 12.41 5.64 -1.56
CA GLU A 208 12.28 6.82 -0.72
C GLU A 208 11.09 6.68 0.22
N ALA A 209 10.01 6.07 -0.25
CA ALA A 209 8.87 5.85 0.62
C ALA A 209 9.20 4.85 1.73
N THR A 210 9.97 3.80 1.41
CA THR A 210 10.39 2.86 2.45
C THR A 210 11.20 3.57 3.52
N LEU A 211 12.18 4.37 3.08
CA LEU A 211 13.01 5.09 4.04
C LEU A 211 12.15 5.98 4.93
N LYS A 212 11.24 6.74 4.32
CA LYS A 212 10.39 7.67 5.08
C LYS A 212 9.43 6.94 6.01
N ALA A 213 8.80 5.87 5.52
CA ALA A 213 7.88 5.13 6.38
C ALA A 213 8.59 4.59 7.62
N SER A 214 9.83 4.11 7.45
CA SER A 214 10.51 3.42 8.55
C SER A 214 11.03 4.40 9.60
N GLU A 215 11.30 5.66 9.24
CA GLU A 215 11.67 6.67 10.23
C GLU A 215 10.48 7.01 11.13
N LEU A 216 9.29 7.20 10.54
CA LEU A 216 8.09 7.37 11.35
C LEU A 216 7.86 6.16 12.26
N LEU A 217 8.07 4.95 11.75
CA LEU A 217 7.71 3.78 12.53
C LEU A 217 8.69 3.56 13.68
N GLN A 218 9.97 3.81 13.44
CA GLN A 218 11.00 3.56 14.45
C GLN A 218 10.93 4.58 15.59
N LYS A 219 10.64 5.84 15.26
CA LYS A 219 10.43 6.87 16.28
C LYS A 219 9.40 6.47 17.32
N LYS A 220 8.44 5.60 16.98
CA LYS A 220 7.41 5.20 17.92
C LYS A 220 7.65 3.83 18.52
N GLY A 221 8.86 3.29 18.42
CA GLY A 221 9.17 2.02 19.03
C GLY A 221 8.80 0.81 18.22
N CYS A 222 8.25 1.00 17.02
CA CYS A 222 7.94 -0.14 16.17
C CYS A 222 9.22 -0.82 15.76
N LYS A 223 9.22 -2.15 15.81
CA LYS A 223 10.30 -2.92 15.23
C LYS A 223 10.00 -3.09 13.75
N VAL A 224 10.88 -2.57 12.90
CA VAL A 224 10.65 -2.46 11.46
C VAL A 224 11.61 -3.36 10.71
N ARG A 225 11.10 -4.04 9.69
CA ARG A 225 11.92 -4.77 8.73
C ARG A 225 11.43 -4.44 7.34
N VAL A 226 12.26 -4.75 6.34
CA VAL A 226 11.98 -4.34 4.98
C VAL A 226 12.00 -5.57 4.08
N ALA A 227 10.88 -5.83 3.42
CA ALA A 227 10.82 -6.85 2.39
C ALA A 227 11.39 -6.26 1.11
N MET A 228 12.38 -6.94 0.54
CA MET A 228 13.08 -6.38 -0.61
C MET A 228 12.82 -7.24 -1.85
N ILE A 229 12.09 -6.69 -2.80
CA ILE A 229 11.77 -7.40 -4.03
C ILE A 229 12.98 -7.29 -4.98
N PRO A 230 13.46 -8.41 -5.52
CA PRO A 230 14.64 -8.35 -6.40
C PRO A 230 14.29 -8.07 -7.85
N ASP A 231 15.31 -7.61 -8.59
CA ASP A 231 15.21 -6.98 -9.91
C ASP A 231 14.45 -5.66 -9.80
N GLY A 232 13.65 -5.34 -10.81
CA GLY A 232 12.81 -4.17 -10.74
C GLY A 232 11.34 -4.53 -10.71
N LEU A 233 10.91 -5.18 -9.64
CA LEU A 233 9.55 -5.71 -9.55
C LEU A 233 8.80 -5.04 -8.42
N ASP A 234 7.50 -4.96 -8.58
CA ASP A 234 6.68 -4.63 -7.42
C ASP A 234 6.06 -5.92 -6.87
N PRO A 235 5.52 -5.91 -5.64
CA PRO A 235 5.09 -7.18 -5.03
C PRO A 235 4.21 -8.04 -5.94
N ASP A 236 3.20 -7.45 -6.56
CA ASP A 236 2.29 -8.23 -7.38
C ASP A 236 3.02 -8.89 -8.55
N ASP A 237 3.98 -8.19 -9.15
CA ASP A 237 4.79 -8.78 -10.22
C ASP A 237 5.58 -9.98 -9.72
N TYR A 238 6.09 -9.91 -8.50
CA TYR A 238 6.80 -11.06 -7.95
C TYR A 238 5.84 -12.23 -7.76
N ILE A 239 4.69 -11.96 -7.15
CA ILE A 239 3.74 -13.02 -6.86
C ILE A 239 3.29 -13.73 -8.13
N LYS A 240 3.16 -12.99 -9.22
CA LYS A 240 2.73 -13.64 -10.46
C LYS A 240 3.88 -14.42 -11.08
N LYS A 241 5.10 -13.91 -11.00
CA LYS A 241 6.24 -14.58 -11.62
C LYS A 241 6.63 -15.85 -10.86
N PHE A 242 6.61 -15.81 -9.53
CA PHE A 242 7.11 -16.92 -8.72
C PHE A 242 6.07 -17.56 -7.81
N GLY A 243 4.94 -16.92 -7.59
CA GLY A 243 3.91 -17.57 -6.81
C GLY A 243 3.88 -17.05 -5.37
N GLY A 244 2.70 -17.17 -4.75
CA GLY A 244 2.51 -16.62 -3.42
C GLY A 244 3.37 -17.28 -2.36
N GLU A 245 3.66 -18.57 -2.52
CA GLU A 245 4.42 -19.26 -1.48
C GLU A 245 5.87 -18.77 -1.45
N LYS A 246 6.48 -18.60 -2.61
CA LYS A 246 7.83 -18.04 -2.61
C LYS A 246 7.83 -16.62 -2.08
N PHE A 247 6.83 -15.83 -2.47
CA PHE A 247 6.74 -14.47 -1.95
C PHE A 247 6.72 -14.47 -0.44
N LYS A 248 5.81 -15.24 0.15
CA LYS A 248 5.72 -15.27 1.61
C LYS A 248 7.01 -15.79 2.23
N ASN A 249 7.58 -16.86 1.67
CA ASN A 249 8.68 -17.58 2.31
C ASN A 249 10.02 -16.89 2.13
N ASP A 250 10.30 -16.36 0.95
CA ASP A 250 11.61 -15.81 0.68
C ASP A 250 11.62 -14.29 0.62
N ILE A 251 10.46 -13.63 0.55
CA ILE A 251 10.42 -12.17 0.57
C ILE A 251 9.94 -11.69 1.93
N ILE A 252 8.71 -12.03 2.32
CA ILE A 252 8.19 -11.48 3.56
C ILE A 252 8.91 -12.07 4.78
N ASP A 253 9.17 -13.38 4.78
CA ASP A 253 9.82 -14.00 5.94
C ASP A 253 11.33 -13.86 5.95
N ALA A 254 11.93 -13.27 4.91
CA ALA A 254 13.36 -12.98 4.88
C ALA A 254 13.64 -11.48 4.90
N SER A 255 12.65 -10.69 5.29
CA SER A 255 12.83 -9.24 5.31
C SER A 255 13.95 -8.87 6.26
N VAL A 256 14.63 -7.77 5.95
CA VAL A 256 15.90 -7.45 6.58
C VAL A 256 15.74 -6.21 7.46
N THR A 257 16.78 -5.91 8.22
CA THR A 257 16.65 -4.74 9.07
C THR A 257 16.61 -3.47 8.22
N VAL A 258 16.21 -2.38 8.87
CA VAL A 258 16.24 -1.07 8.23
C VAL A 258 17.68 -0.72 7.84
N MET A 259 18.63 -1.02 8.73
CA MET A 259 20.03 -0.71 8.42
C MET A 259 20.54 -1.54 7.24
N ALA A 260 20.17 -2.82 7.18
CA ALA A 260 20.59 -3.62 6.04
C ALA A 260 19.97 -3.09 4.76
N PHE A 261 18.72 -2.59 4.84
CA PHE A 261 18.09 -1.97 3.68
C PHE A 261 18.80 -0.68 3.27
N LYS A 262 19.12 0.20 4.22
CA LYS A 262 19.86 1.41 3.86
C LYS A 262 21.16 1.07 3.18
N MET A 263 21.86 0.05 3.69
CA MET A 263 23.12 -0.39 3.10
C MET A 263 22.96 -0.82 1.64
N GLN A 264 21.75 -1.21 1.21
CA GLN A 264 21.51 -1.48 -0.20
C GLN A 264 21.10 -0.23 -0.94
N TYR A 265 20.16 0.51 -0.35
CA TYR A 265 19.68 1.74 -0.97
C TYR A 265 20.84 2.66 -1.33
N PHE A 266 21.73 2.93 -0.37
CA PHE A 266 22.80 3.90 -0.55
C PHE A 266 23.76 3.50 -1.66
N ARG A 267 23.69 2.24 -2.12
CA ARG A 267 24.52 1.77 -3.23
C ARG A 267 24.03 2.31 -4.58
N LYS A 268 22.74 2.62 -4.71
CA LYS A 268 22.18 2.95 -6.01
C LYS A 268 22.76 4.27 -6.52
N GLY A 269 23.10 4.30 -7.82
CA GLY A 269 23.71 5.45 -8.43
C GLY A 269 25.21 5.59 -8.21
N LYS A 270 25.81 4.72 -7.40
CA LYS A 270 27.23 4.79 -7.08
C LYS A 270 27.97 3.70 -7.83
N ASN A 271 29.19 4.02 -8.27
CA ASN A 271 30.11 3.02 -8.82
C ASN A 271 31.14 2.72 -7.73
N LEU A 272 30.92 1.63 -6.98
CA LEU A 272 31.78 1.32 -5.85
C LEU A 272 33.20 0.95 -6.24
N SER A 273 33.48 0.82 -7.56
CA SER A 273 34.86 0.69 -8.03
C SER A 273 35.57 2.03 -8.15
N ASP A 274 34.82 3.13 -8.16
CA ASP A 274 35.43 4.46 -8.19
C ASP A 274 35.73 4.88 -6.76
N GLU A 275 36.97 5.35 -6.54
CA GLU A 275 37.42 5.69 -5.19
C GLU A 275 36.48 6.69 -4.53
N GLY A 276 36.06 7.73 -5.26
CA GLY A 276 35.19 8.71 -4.66
C GLY A 276 33.83 8.16 -4.27
N ASP A 277 33.20 7.37 -5.15
CA ASP A 277 31.92 6.76 -4.81
C ASP A 277 32.06 5.75 -3.67
N ARG A 278 33.09 4.90 -3.74
CA ARG A 278 33.35 3.94 -2.68
C ARG A 278 33.43 4.63 -1.32
N LEU A 279 34.19 5.74 -1.23
CA LEU A 279 34.34 6.43 0.04
C LEU A 279 33.04 7.06 0.50
N ALA A 280 32.31 7.71 -0.41
CA ALA A 280 31.05 8.36 -0.05
C ALA A 280 30.03 7.34 0.45
N TYR A 281 29.92 6.20 -0.24
CA TYR A 281 29.05 5.13 0.24
C TYR A 281 29.43 4.75 1.67
N ILE A 282 30.70 4.46 1.88
CA ILE A 282 31.14 4.04 3.21
C ILE A 282 30.77 5.10 4.23
N LYS A 283 31.17 6.35 3.98
CA LYS A 283 30.87 7.41 4.93
C LYS A 283 29.36 7.59 5.11
N ASP A 284 28.56 7.45 4.04
CA ASP A 284 27.11 7.55 4.24
C ASP A 284 26.60 6.45 5.17
N VAL A 285 27.14 5.23 5.04
CA VAL A 285 26.67 4.14 5.89
C VAL A 285 27.11 4.35 7.33
N LEU A 286 28.36 4.81 7.54
CA LEU A 286 28.81 5.06 8.90
C LEU A 286 28.00 6.15 9.57
N LYS A 287 27.49 7.12 8.80
CA LYS A 287 26.69 8.15 9.45
C LYS A 287 25.37 7.58 9.95
N GLU A 288 24.75 6.68 9.18
CA GLU A 288 23.58 5.98 9.71
C GLU A 288 23.93 5.08 10.88
N ILE A 289 25.04 4.32 10.78
CA ILE A 289 25.45 3.46 11.89
C ILE A 289 25.61 4.26 13.17
N SER A 290 26.11 5.50 13.07
CA SER A 290 26.32 6.30 14.27
C SER A 290 25.03 6.69 14.99
N THR A 291 23.87 6.55 14.36
CA THR A 291 22.61 6.79 15.03
C THR A 291 22.06 5.53 15.71
N LEU A 292 22.71 4.38 15.52
CA LEU A 292 22.27 3.16 16.18
C LEU A 292 22.61 3.18 17.67
N SER A 293 21.84 2.45 18.46
CA SER A 293 22.03 2.41 19.90
C SER A 293 22.97 1.27 20.26
N GLY A 294 24.11 1.62 20.86
CA GLY A 294 24.98 0.60 21.38
C GLY A 294 26.10 0.15 20.46
N SER A 295 27.25 -0.16 21.05
CA SER A 295 28.40 -0.56 20.26
C SER A 295 28.16 -1.88 19.53
N LEU A 296 27.42 -2.80 20.15
CA LEU A 296 27.22 -4.13 19.58
C LEU A 296 26.51 -4.05 18.23
N GLU A 297 25.36 -3.36 18.20
CA GLU A 297 24.67 -3.15 16.93
C GLU A 297 25.56 -2.42 15.94
N GLN A 298 26.29 -1.40 16.40
CA GLN A 298 27.16 -0.68 15.48
C GLN A 298 28.23 -1.61 14.93
N GLU A 299 28.85 -2.42 15.80
CA GLU A 299 29.96 -3.25 15.39
C GLU A 299 29.50 -4.26 14.33
N VAL A 300 28.27 -4.74 14.45
CA VAL A 300 27.78 -5.73 13.51
C VAL A 300 27.86 -5.21 12.09
N TYR A 301 27.48 -3.95 11.89
CA TYR A 301 27.44 -3.40 10.55
C TYR A 301 28.79 -2.86 10.11
N VAL A 302 29.57 -2.29 11.03
CA VAL A 302 30.95 -1.94 10.71
C VAL A 302 31.70 -3.14 10.15
N LYS A 303 31.41 -4.34 10.67
CA LYS A 303 32.10 -5.55 10.23
C LYS A 303 31.76 -5.93 8.79
N GLN A 304 30.50 -5.75 8.37
CA GLN A 304 30.17 -5.95 6.96
C GLN A 304 30.96 -5.01 6.06
N LEU A 305 31.11 -3.74 6.46
CA LEU A 305 31.88 -2.81 5.66
C LEU A 305 33.33 -3.23 5.62
N ALA A 306 33.91 -3.55 6.80
CA ALA A 306 35.29 -4.02 6.85
C ALA A 306 35.50 -5.22 5.96
N SER A 307 34.50 -6.10 5.89
CA SER A 307 34.68 -7.33 5.16
C SER A 307 34.50 -7.13 3.66
N GLU A 308 33.42 -6.48 3.26
CA GLU A 308 33.16 -6.30 1.83
C GLU A 308 34.25 -5.49 1.15
N PHE A 309 34.87 -4.53 1.84
CA PHE A 309 35.86 -3.66 1.20
C PHE A 309 37.29 -3.95 1.64
N SER A 310 37.50 -4.94 2.50
CA SER A 310 38.82 -5.23 3.04
C SER A 310 39.45 -3.98 3.64
N LEU A 311 38.70 -3.31 4.50
CA LEU A 311 39.21 -2.16 5.21
C LEU A 311 39.36 -2.54 6.68
N SER A 312 40.36 -1.96 7.32
CA SER A 312 40.53 -2.19 8.74
C SER A 312 39.33 -1.59 9.48
N GLN A 313 38.93 -2.26 10.56
CA GLN A 313 37.89 -1.69 11.41
C GLN A 313 38.40 -0.46 12.15
N GLU A 314 39.70 -0.38 12.40
CA GLU A 314 40.23 0.78 13.11
C GLU A 314 39.92 2.07 12.37
N SER A 315 40.04 2.06 11.04
CA SER A 315 39.84 3.33 10.34
C SER A 315 38.35 3.60 10.10
N LEU A 316 37.54 2.55 9.93
CA LEU A 316 36.10 2.72 9.91
C LEU A 316 35.58 3.25 11.25
N THR A 317 36.14 2.76 12.36
CA THR A 317 35.75 3.20 13.69
C THR A 317 36.20 4.63 13.96
N GLU A 318 37.41 4.99 13.50
CA GLU A 318 37.86 6.37 13.60
C GLU A 318 36.91 7.30 12.84
N GLN A 319 36.44 6.88 11.67
CA GLN A 319 35.53 7.72 10.90
C GLN A 319 34.15 7.75 11.53
N LEU A 320 33.74 6.64 12.17
CA LEU A 320 32.47 6.62 12.90
C LEU A 320 32.46 7.66 14.02
N SER A 321 33.54 7.73 14.80
CA SER A 321 33.60 8.69 15.92
C SER A 321 33.44 10.12 15.45
N VAL A 322 33.94 10.45 14.26
CA VAL A 322 33.76 11.79 13.71
C VAL A 322 32.27 12.13 13.67
N PHE A 323 31.46 11.22 13.15
CA PHE A 323 30.03 11.49 13.00
C PHE A 323 29.30 11.55 14.33
N SER A 324 29.85 10.96 15.39
CA SER A 324 29.17 10.96 16.69
C SER A 324 29.81 11.95 17.68
#